data_9BXE
#
_entry.id   9BXE
#
_entity_poly.entity_id   1
_entity_poly.type   'polyribonucleotide'
_entity_poly.pdbx_seq_one_letter_code
;GAGGAGUCUCA
;
_entity_poly.pdbx_strand_id   A,B
#